data_6TFM
#
_entry.id   6TFM
#
_cell.length_a   52.296
_cell.length_b   66.039
_cell.length_c   72.666
_cell.angle_alpha   90.000
_cell.angle_beta   90.100
_cell.angle_gamma   90.000
#
_symmetry.space_group_name_H-M   'P 1 21 1'
#
loop_
_entity.id
_entity.type
_entity.pdbx_description
1 polymer Frizzled-8
2 water water
#
_entity_poly.entity_id   1
_entity_poly.type   'polypeptide(L)'
_entity_poly.pdbx_seq_one_letter_code
;ETGASAKELACQEITVPLCKGIGYEYTYMPNQFNHDTQDEAGLEVHQFWPLVEIQCSPDLKFFLCSMYTPICLEDYKKPL
PPCRSVCERAKAGCAPLMRQYGFAWPDRMRCDRLPEQGNPDTLCMDYERGTLEVLFQG
;
_entity_poly.pdbx_strand_id   A,D,B,C
#
# COMPACT_ATOMS: atom_id res chain seq x y z
N LEU A 9 44.80 6.94 -17.17
CA LEU A 9 43.91 7.14 -16.03
C LEU A 9 44.68 7.03 -14.71
N ALA A 10 45.85 7.65 -14.69
CA ALA A 10 46.71 7.73 -13.51
C ALA A 10 46.19 8.76 -12.52
N CYS A 11 46.56 8.57 -11.25
CA CYS A 11 46.16 9.50 -10.21
C CYS A 11 47.06 10.74 -10.26
N GLN A 12 46.44 11.91 -10.11
CA GLN A 12 47.18 13.16 -10.05
C GLN A 12 46.71 13.94 -8.82
N GLU A 13 47.65 14.64 -8.20
CA GLU A 13 47.31 15.50 -7.07
C GLU A 13 46.23 16.51 -7.45
N ILE A 14 45.22 16.63 -6.58
CA ILE A 14 44.16 17.61 -6.81
C ILE A 14 44.74 19.01 -6.69
N THR A 15 44.49 19.86 -7.68
CA THR A 15 44.97 21.23 -7.67
C THR A 15 43.84 22.23 -7.91
N VAL A 16 42.59 21.78 -7.94
CA VAL A 16 41.46 22.68 -8.01
C VAL A 16 41.25 23.26 -6.62
N PRO A 17 41.26 24.59 -6.45
CA PRO A 17 41.19 25.16 -5.09
C PRO A 17 39.97 24.75 -4.31
N LEU A 18 38.78 24.76 -4.93
CA LEU A 18 37.58 24.32 -4.25
C LEU A 18 37.73 22.92 -3.66
N CYS A 19 38.45 22.03 -4.36
CA CYS A 19 38.52 20.63 -3.98
C CYS A 19 39.79 20.26 -3.22
N LYS A 20 40.65 21.21 -2.90
CA LYS A 20 41.81 20.94 -2.09
C LYS A 20 41.39 20.76 -0.64
N GLY A 21 41.91 19.72 0.01
CA GLY A 21 41.54 19.45 1.38
C GLY A 21 40.15 18.88 1.57
N ILE A 22 39.61 18.20 0.55
CA ILE A 22 38.25 17.67 0.60
C ILE A 22 38.12 16.36 1.35
N GLY A 23 39.23 15.69 1.65
CA GLY A 23 39.21 14.38 2.30
C GLY A 23 39.90 13.29 1.52
N TYR A 24 40.18 13.51 0.24
CA TYR A 24 41.05 12.63 -0.52
C TYR A 24 42.01 13.51 -1.31
N GLU A 25 43.11 12.90 -1.75
CA GLU A 25 44.26 13.66 -2.21
C GLU A 25 44.42 13.69 -3.72
N TYR A 26 44.02 12.63 -4.43
CA TYR A 26 44.30 12.49 -5.86
C TYR A 26 43.01 12.33 -6.66
N THR A 27 43.08 12.75 -7.92
CA THR A 27 41.96 12.62 -8.85
C THR A 27 42.46 12.05 -10.18
N TYR A 28 41.60 11.99 -11.19
CA TYR A 28 42.01 11.47 -12.49
C TYR A 28 41.21 12.17 -13.57
N MET A 29 41.79 12.24 -14.76
CA MET A 29 41.13 12.77 -15.93
C MET A 29 41.19 11.76 -17.06
N PRO A 30 40.20 11.76 -17.97
CA PRO A 30 38.99 12.59 -17.96
C PRO A 30 37.95 12.14 -16.93
N ASN A 31 37.17 13.09 -16.42
CA ASN A 31 36.08 12.78 -15.50
C ASN A 31 34.83 12.44 -16.29
N GLN A 32 33.71 12.25 -15.59
CA GLN A 32 32.46 11.87 -16.26
C GLN A 32 31.94 12.98 -17.15
N PHE A 33 32.43 14.20 -17.00
CA PHE A 33 32.01 15.33 -17.80
C PHE A 33 32.87 15.48 -19.05
N ASN A 34 33.85 14.60 -19.22
CA ASN A 34 34.78 14.61 -20.35
C ASN A 34 35.72 15.82 -20.30
N HIS A 35 36.02 16.31 -19.10
CA HIS A 35 37.03 17.34 -18.97
C HIS A 35 38.39 16.66 -19.00
N ASP A 36 39.30 17.18 -19.82
CA ASP A 36 40.58 16.53 -19.99
C ASP A 36 41.61 16.93 -18.94
N THR A 37 41.43 18.09 -18.31
CA THR A 37 42.39 18.59 -17.34
C THR A 37 41.64 19.19 -16.16
N GLN A 38 42.29 19.20 -15.01
CA GLN A 38 41.71 19.84 -13.84
C GLN A 38 41.46 21.32 -14.09
N ASP A 39 42.32 21.98 -14.88
CA ASP A 39 42.08 23.35 -15.29
C ASP A 39 40.70 23.50 -15.93
N GLU A 40 40.37 22.60 -16.86
CA GLU A 40 39.05 22.63 -17.49
C GLU A 40 37.94 22.32 -16.48
N ALA A 41 38.15 21.34 -15.61
CA ALA A 41 37.15 21.01 -14.60
C ALA A 41 37.02 22.12 -13.57
N GLY A 42 38.14 22.73 -13.19
CA GLY A 42 38.08 23.82 -12.23
C GLY A 42 37.31 25.02 -12.74
N LEU A 43 37.44 25.31 -14.04
CA LEU A 43 36.72 26.45 -14.61
C LEU A 43 35.21 26.25 -14.53
N GLU A 44 34.73 25.04 -14.82
CA GLU A 44 33.28 24.81 -14.82
C GLU A 44 32.73 24.75 -13.40
N VAL A 45 33.48 24.17 -12.47
CA VAL A 45 33.00 24.05 -11.11
C VAL A 45 33.02 25.41 -10.40
N HIS A 46 33.83 26.35 -10.91
CA HIS A 46 33.83 27.69 -10.35
C HIS A 46 32.44 28.34 -10.38
N GLN A 47 31.60 27.98 -11.36
CA GLN A 47 30.26 28.55 -11.47
C GLN A 47 29.44 28.40 -10.21
N PHE A 48 29.75 27.42 -9.36
CA PHE A 48 28.97 27.13 -8.17
C PHE A 48 29.44 27.90 -6.95
N TRP A 49 30.42 28.80 -7.09
CA TRP A 49 31.01 29.44 -5.92
C TRP A 49 30.06 30.29 -5.08
N PRO A 50 29.04 30.98 -5.63
CA PRO A 50 28.12 31.69 -4.72
C PRO A 50 27.41 30.78 -3.74
N LEU A 51 26.99 29.60 -4.19
CA LEU A 51 26.35 28.64 -3.29
C LEU A 51 27.34 28.14 -2.24
N VAL A 52 28.60 27.92 -2.64
CA VAL A 52 29.63 27.54 -1.68
C VAL A 52 29.80 28.61 -0.62
N GLU A 53 29.84 29.88 -1.03
CA GLU A 53 30.00 30.95 -0.06
C GLU A 53 28.74 31.12 0.80
N ILE A 54 27.55 31.01 0.20
CA ILE A 54 26.30 31.14 0.95
C ILE A 54 26.14 29.99 1.93
N GLN A 55 26.70 28.82 1.61
CA GLN A 55 26.72 27.66 2.50
C GLN A 55 25.32 27.08 2.67
N CYS A 56 24.62 26.90 1.55
CA CYS A 56 23.30 26.28 1.59
C CYS A 56 23.35 24.81 1.97
N SER A 57 24.51 24.16 1.85
CA SER A 57 24.64 22.79 2.28
C SER A 57 26.08 22.50 2.69
N PRO A 58 26.31 21.86 3.84
CA PRO A 58 27.66 21.39 4.16
C PRO A 58 28.14 20.27 3.23
N ASP A 59 27.23 19.68 2.45
CA ASP A 59 27.54 18.57 1.57
C ASP A 59 27.82 18.99 0.14
N LEU A 60 27.62 20.27 -0.19
CA LEU A 60 27.72 20.71 -1.58
C LEU A 60 29.16 20.61 -2.08
N LYS A 61 30.11 21.11 -1.30
CA LYS A 61 31.52 21.06 -1.69
C LYS A 61 31.97 19.64 -1.98
N PHE A 62 31.75 18.73 -1.01
CA PHE A 62 32.13 17.32 -1.20
C PHE A 62 31.47 16.72 -2.44
N PHE A 63 30.17 16.97 -2.61
CA PHE A 63 29.45 16.36 -3.74
C PHE A 63 30.00 16.85 -5.07
N LEU A 64 30.23 18.15 -5.21
CA LEU A 64 30.72 18.68 -6.49
C LEU A 64 32.09 18.13 -6.82
N CYS A 65 32.96 18.01 -5.82
CA CYS A 65 34.31 17.50 -6.05
C CYS A 65 34.28 16.02 -6.43
N SER A 66 33.44 15.23 -5.78
CA SER A 66 33.30 13.82 -6.14
C SER A 66 32.89 13.64 -7.60
N MET A 67 32.36 14.69 -8.23
CA MET A 67 32.00 14.68 -9.64
C MET A 67 33.08 15.28 -10.53
N TYR A 68 33.57 16.47 -10.19
CA TYR A 68 34.53 17.18 -11.04
C TYR A 68 35.95 16.70 -10.85
N THR A 69 36.34 16.38 -9.60
CA THR A 69 37.63 15.75 -9.31
C THR A 69 37.34 14.42 -8.63
N PRO A 70 36.89 13.42 -9.40
CA PRO A 70 36.53 12.13 -8.79
C PRO A 70 37.73 11.48 -8.12
N ILE A 71 37.47 10.85 -6.97
CA ILE A 71 38.53 10.24 -6.18
C ILE A 71 39.29 9.22 -7.03
N CYS A 72 40.61 9.21 -6.87
CA CYS A 72 41.47 8.24 -7.54
C CYS A 72 42.22 7.45 -6.49
N LEU A 73 42.14 6.13 -6.56
CA LEU A 73 42.79 5.24 -5.61
C LEU A 73 43.80 4.39 -6.36
N GLU A 74 44.98 4.24 -5.75
CA GLU A 74 46.04 3.47 -6.40
C GLU A 74 45.68 1.99 -6.52
N ASP A 75 44.83 1.48 -5.65
CA ASP A 75 44.47 0.06 -5.62
C ASP A 75 43.01 -0.18 -6.01
N TYR A 76 42.43 0.72 -6.81
CA TYR A 76 41.06 0.55 -7.30
C TYR A 76 40.95 1.33 -8.59
N LYS A 77 40.84 0.62 -9.71
CA LYS A 77 40.93 1.25 -11.02
C LYS A 77 39.58 1.30 -11.73
N LYS A 78 38.52 1.65 -10.99
CA LYS A 78 37.22 1.96 -11.55
C LYS A 78 36.66 3.23 -10.96
N PRO A 79 35.79 3.93 -11.70
CA PRO A 79 35.14 5.12 -11.15
C PRO A 79 34.36 4.81 -9.88
N LEU A 80 34.59 5.62 -8.86
CA LEU A 80 34.01 5.44 -7.53
C LEU A 80 33.15 6.65 -7.25
N PRO A 81 31.89 6.64 -7.68
CA PRO A 81 31.06 7.84 -7.61
C PRO A 81 30.58 8.10 -6.19
N PRO A 82 30.03 9.30 -5.94
CA PRO A 82 29.40 9.54 -4.64
C PRO A 82 28.12 8.73 -4.48
N CYS A 83 27.85 8.36 -3.23
CA CYS A 83 26.59 7.69 -2.92
C CYS A 83 25.42 8.61 -3.18
N ARG A 84 24.29 8.01 -3.57
CA ARG A 84 23.06 8.77 -3.80
C ARG A 84 22.75 9.70 -2.62
N SER A 85 23.04 9.24 -1.40
CA SER A 85 22.74 10.04 -0.21
C SER A 85 23.48 11.37 -0.23
N VAL A 86 24.70 11.38 -0.77
CA VAL A 86 25.48 12.62 -0.84
C VAL A 86 24.80 13.63 -1.75
N CYS A 87 24.37 13.17 -2.93
CA CYS A 87 23.61 14.02 -3.84
C CYS A 87 22.32 14.52 -3.19
N GLU A 88 21.62 13.65 -2.47
CA GLU A 88 20.30 13.99 -1.96
C GLU A 88 20.39 15.04 -0.86
N ARG A 89 21.44 14.99 -0.04
CA ARG A 89 21.61 16.01 0.99
C ARG A 89 21.98 17.35 0.40
N ALA A 90 22.84 17.36 -0.63
CA ALA A 90 23.21 18.61 -1.29
C ALA A 90 22.03 19.23 -2.02
N LYS A 91 21.25 18.42 -2.72
CA LYS A 91 20.06 18.94 -3.41
C LYS A 91 19.03 19.47 -2.43
N ALA A 92 18.89 18.82 -1.27
CA ALA A 92 17.92 19.30 -0.28
C ALA A 92 18.28 20.69 0.22
N GLY A 93 19.57 20.94 0.44
CA GLY A 93 19.97 22.22 1.00
C GLY A 93 20.04 23.36 0.00
N CYS A 94 20.39 23.08 -1.25
CA CYS A 94 20.76 24.11 -2.20
C CYS A 94 19.80 24.27 -3.37
N ALA A 95 19.10 23.21 -3.77
CA ALA A 95 18.22 23.31 -4.95
C ALA A 95 17.06 24.28 -4.77
N PRO A 96 16.36 24.33 -3.62
CA PRO A 96 15.32 25.36 -3.50
C PRO A 96 15.84 26.78 -3.70
N LEU A 97 17.01 27.09 -3.17
CA LEU A 97 17.61 28.41 -3.41
C LEU A 97 17.97 28.62 -4.87
N MET A 98 18.53 27.59 -5.51
CA MET A 98 18.84 27.69 -6.94
C MET A 98 17.59 27.92 -7.76
N ARG A 99 16.51 27.22 -7.44
CA ARG A 99 15.26 27.39 -8.19
C ARG A 99 14.70 28.79 -8.02
N GLN A 100 14.82 29.37 -6.83
CA GLN A 100 14.33 30.71 -6.58
C GLN A 100 14.92 31.71 -7.58
N TYR A 101 16.14 31.49 -8.03
CA TYR A 101 16.82 32.39 -8.95
C TYR A 101 16.91 31.82 -10.37
N GLY A 102 15.99 30.92 -10.72
CA GLY A 102 15.85 30.46 -12.08
C GLY A 102 16.78 29.36 -12.51
N PHE A 103 17.39 28.64 -11.57
CA PHE A 103 18.30 27.55 -11.88
C PHE A 103 17.69 26.23 -11.41
N ALA A 104 17.59 25.28 -12.31
CA ALA A 104 17.16 23.93 -11.95
C ALA A 104 18.34 23.14 -11.40
N TRP A 105 18.05 22.15 -10.57
CA TRP A 105 19.07 21.18 -10.20
C TRP A 105 19.60 20.52 -11.47
N PRO A 106 20.90 20.59 -11.73
CA PRO A 106 21.43 20.15 -13.03
C PRO A 106 21.08 18.69 -13.34
N ASP A 107 20.81 18.44 -14.62
CA ASP A 107 20.48 17.09 -15.07
C ASP A 107 21.63 16.11 -14.84
N ARG A 108 22.87 16.55 -15.13
CA ARG A 108 24.03 15.70 -14.89
C ARG A 108 24.24 15.39 -13.41
N MET A 109 23.45 16.01 -12.53
CA MET A 109 23.55 15.83 -11.09
C MET A 109 22.31 15.15 -10.52
N ARG A 110 21.50 14.54 -11.37
CA ARG A 110 20.32 13.80 -10.93
C ARG A 110 20.74 12.70 -9.97
N CYS A 111 20.13 12.69 -8.77
CA CYS A 111 20.59 11.81 -7.71
C CYS A 111 20.26 10.35 -7.96
N ASP A 112 19.15 10.07 -8.64
CA ASP A 112 18.75 8.67 -8.83
C ASP A 112 19.61 7.94 -9.85
N ARG A 113 20.53 8.62 -10.52
CA ARG A 113 21.42 7.99 -11.46
C ARG A 113 22.74 7.53 -10.82
N LEU A 114 22.94 7.83 -9.49
CA LEU A 114 24.05 7.49 -8.60
C LEU A 114 23.75 6.20 -7.84
N PRO A 115 24.78 5.43 -7.47
CA PRO A 115 24.52 4.16 -6.78
C PRO A 115 24.08 4.40 -5.33
N GLU A 116 23.15 3.56 -4.89
CA GLU A 116 22.68 3.60 -3.52
C GLU A 116 23.69 2.99 -2.57
N GLN A 117 23.66 3.47 -1.31
CA GLN A 117 24.43 2.81 -0.28
C GLN A 117 23.87 1.42 -0.06
N GLY A 118 24.74 0.48 0.28
CA GLY A 118 24.31 -0.88 0.50
C GLY A 118 23.99 -1.64 -0.76
N ASN A 119 24.22 -1.06 -1.94
CA ASN A 119 23.98 -1.78 -3.18
C ASN A 119 25.08 -2.77 -3.38
N PRO A 120 24.81 -4.08 -3.55
CA PRO A 120 25.85 -5.09 -3.59
C PRO A 120 26.78 -4.97 -4.80
N ASP A 121 26.35 -4.32 -5.88
CA ASP A 121 27.05 -4.40 -7.15
C ASP A 121 27.89 -3.16 -7.45
N THR A 122 27.84 -2.13 -6.62
CA THR A 122 28.64 -0.93 -6.81
C THR A 122 29.34 -0.54 -5.52
N LEU A 123 30.31 0.35 -5.66
CA LEU A 123 30.94 1.03 -4.52
C LEU A 123 30.69 2.52 -4.70
N CYS A 124 30.34 3.18 -3.60
CA CYS A 124 30.12 4.62 -3.63
C CYS A 124 30.76 5.24 -2.39
N MET A 125 30.90 6.56 -2.44
CA MET A 125 31.69 7.31 -1.47
C MET A 125 30.76 8.21 -0.64
N ASP A 126 30.97 8.20 0.67
CA ASP A 126 30.34 9.16 1.59
C ASP A 126 31.40 9.57 2.61
N TYR A 127 30.96 10.20 3.70
CA TYR A 127 31.87 10.63 4.75
C TYR A 127 31.14 10.73 6.08
N GLU A 128 31.91 10.91 7.14
CA GLU A 128 31.39 11.20 8.48
C GLU A 128 32.29 12.24 9.16
N ARG A 129 31.95 12.55 10.40
CA ARG A 129 32.72 13.46 11.25
C ARG A 129 33.93 12.78 11.88
N THR A 131 36.72 16.42 11.83
CA THR A 131 37.46 16.11 10.61
C THR A 131 36.69 15.12 9.75
N LEU A 132 37.01 15.11 8.46
CA LEU A 132 36.25 14.38 7.45
C LEU A 132 36.98 13.09 7.09
N GLU A 133 36.34 11.95 7.36
CA GLU A 133 36.87 10.65 6.99
C GLU A 133 36.00 10.08 5.90
N VAL A 134 36.63 9.63 4.82
CA VAL A 134 35.89 9.07 3.69
C VAL A 134 35.42 7.67 4.04
N LEU A 135 34.19 7.36 3.68
CA LEU A 135 33.59 6.05 3.92
C LEU A 135 33.15 5.48 2.60
N PHE A 136 33.54 4.25 2.33
CA PHE A 136 33.08 3.55 1.14
C PHE A 136 31.92 2.64 1.51
N GLN A 137 30.90 2.66 0.66
CA GLN A 137 29.62 2.05 0.98
C GLN A 137 29.06 1.47 -0.31
N GLY A 138 28.02 0.66 -0.18
CA GLY A 138 27.42 0.04 -1.34
C GLY A 138 27.07 1.00 -2.46
N ALA B 10 4.56 -22.22 -12.76
CA ALA B 10 4.08 -22.55 -14.08
C ALA B 10 2.63 -23.03 -14.02
N CYS B 11 1.90 -22.84 -15.11
CA CYS B 11 0.51 -23.27 -15.17
C CYS B 11 0.44 -24.76 -15.50
N GLN B 12 -0.47 -25.48 -14.82
CA GLN B 12 -0.71 -26.87 -15.12
C GLN B 12 -2.21 -27.11 -15.28
N GLU B 13 -2.55 -28.02 -16.19
CA GLU B 13 -3.94 -28.38 -16.40
C GLU B 13 -4.60 -28.82 -15.11
N ILE B 14 -5.80 -28.30 -14.84
CA ILE B 14 -6.55 -28.73 -13.68
C ILE B 14 -6.98 -30.17 -13.88
N THR B 15 -6.70 -31.02 -12.89
CA THR B 15 -7.06 -32.42 -12.95
C THR B 15 -7.85 -32.87 -11.74
N VAL B 16 -8.27 -31.96 -10.87
CA VAL B 16 -9.16 -32.29 -9.76
C VAL B 16 -10.57 -32.41 -10.33
N PRO B 17 -11.24 -33.54 -10.15
CA PRO B 17 -12.56 -33.72 -10.78
C PRO B 17 -13.57 -32.64 -10.41
N LEU B 18 -13.62 -32.27 -9.12
CA LEU B 18 -14.51 -31.21 -8.67
C LEU B 18 -14.31 -29.92 -9.49
N CYS B 19 -13.09 -29.62 -9.88
CA CYS B 19 -12.75 -28.34 -10.46
C CYS B 19 -12.69 -28.35 -11.99
N LYS B 20 -13.05 -29.45 -12.62
CA LYS B 20 -13.10 -29.47 -14.07
C LYS B 20 -14.33 -28.73 -14.57
N GLY B 21 -14.15 -27.88 -15.58
CA GLY B 21 -15.27 -27.11 -16.09
C GLY B 21 -15.71 -25.97 -15.20
N ILE B 22 -14.83 -25.46 -14.34
CA ILE B 22 -15.22 -24.41 -13.40
C ILE B 22 -15.24 -23.02 -14.02
N GLY B 23 -14.69 -22.85 -15.22
CA GLY B 23 -14.59 -21.56 -15.87
C GLY B 23 -13.18 -21.14 -16.21
N TYR B 24 -12.16 -21.77 -15.62
CA TYR B 24 -10.79 -21.57 -16.05
C TYR B 24 -10.10 -22.92 -16.12
N GLU B 25 -8.98 -22.95 -16.85
CA GLU B 25 -8.39 -24.21 -17.29
C GLU B 25 -7.11 -24.60 -16.56
N TYR B 26 -6.32 -23.65 -16.07
CA TYR B 26 -5.02 -23.95 -15.49
C TYR B 26 -4.93 -23.45 -14.04
N THR B 27 -4.10 -24.15 -13.27
CA THR B 27 -3.83 -23.79 -11.89
C THR B 27 -2.34 -23.82 -11.61
N TYR B 28 -1.96 -23.67 -10.35
CA TYR B 28 -0.55 -23.68 -9.98
C TYR B 28 -0.41 -24.26 -8.57
N MET B 29 0.76 -24.82 -8.30
CA MET B 29 1.16 -25.34 -7.00
C MET B 29 2.47 -24.71 -6.56
N PRO B 30 2.71 -24.58 -5.25
CA PRO B 30 1.81 -24.95 -4.14
C PRO B 30 0.65 -23.99 -3.91
N ASN B 31 -0.48 -24.49 -3.42
CA ASN B 31 -1.56 -23.61 -3.02
C ASN B 31 -1.35 -23.20 -1.56
N GLN B 32 -2.27 -22.39 -1.03
CA GLN B 32 -2.13 -21.88 0.34
C GLN B 32 -2.38 -22.95 1.40
N PHE B 33 -2.94 -24.10 1.02
CA PHE B 33 -3.38 -25.15 1.93
C PHE B 33 -2.30 -26.21 2.22
N ASN B 34 -1.05 -25.98 1.82
CA ASN B 34 0.07 -26.91 2.04
C ASN B 34 0.01 -28.13 1.12
N HIS B 35 -0.61 -28.00 -0.04
CA HIS B 35 -0.60 -29.07 -1.04
C HIS B 35 0.44 -28.80 -2.11
N ASP B 36 1.28 -29.80 -2.40
CA ASP B 36 2.30 -29.68 -3.44
C ASP B 36 1.79 -30.11 -4.80
N THR B 37 0.75 -30.95 -4.86
CA THR B 37 0.25 -31.52 -6.10
C THR B 37 -1.28 -31.51 -6.05
N GLN B 38 -1.88 -31.48 -7.25
CA GLN B 38 -3.33 -31.57 -7.35
C GLN B 38 -3.87 -32.87 -6.77
N ASP B 39 -3.11 -33.95 -6.85
CA ASP B 39 -3.49 -35.20 -6.17
C ASP B 39 -3.79 -34.95 -4.70
N GLU B 40 -2.87 -34.25 -4.02
CA GLU B 40 -3.09 -33.93 -2.61
C GLU B 40 -4.26 -32.97 -2.43
N ALA B 41 -4.38 -31.97 -3.32
CA ALA B 41 -5.47 -31.01 -3.22
C ALA B 41 -6.81 -31.67 -3.53
N GLY B 42 -6.84 -32.58 -4.50
CA GLY B 42 -8.08 -33.28 -4.80
C GLY B 42 -8.57 -34.12 -3.63
N LEU B 43 -7.65 -34.75 -2.91
CA LEU B 43 -8.02 -35.58 -1.76
C LEU B 43 -8.65 -34.74 -0.65
N GLU B 44 -8.10 -33.57 -0.36
CA GLU B 44 -8.63 -32.77 0.74
C GLU B 44 -9.94 -32.09 0.37
N VAL B 45 -10.08 -31.62 -0.87
CA VAL B 45 -11.30 -30.93 -1.25
C VAL B 45 -12.44 -31.92 -1.42
N HIS B 46 -12.12 -33.20 -1.65
CA HIS B 46 -13.15 -34.24 -1.72
C HIS B 46 -14.01 -34.28 -0.47
N GLN B 47 -13.44 -33.97 0.69
CA GLN B 47 -14.17 -34.01 1.95
C GLN B 47 -15.44 -33.15 1.93
N PHE B 48 -15.53 -32.17 1.02
CA PHE B 48 -16.67 -31.27 0.97
C PHE B 48 -17.80 -31.81 0.10
N TRP B 49 -17.68 -33.05 -0.40
CA TRP B 49 -18.65 -33.54 -1.36
C TRP B 49 -20.10 -33.60 -0.85
N PRO B 50 -20.38 -33.84 0.45
CA PRO B 50 -21.79 -33.77 0.87
C PRO B 50 -22.39 -32.40 0.65
N LEU B 51 -21.66 -31.33 0.96
CA LEU B 51 -22.17 -29.98 0.74
C LEU B 51 -22.33 -29.68 -0.75
N VAL B 52 -21.38 -30.13 -1.57
CA VAL B 52 -21.50 -29.94 -3.02
C VAL B 52 -22.76 -30.59 -3.55
N GLU B 53 -23.02 -31.85 -3.16
CA GLU B 53 -24.23 -32.54 -3.59
C GLU B 53 -25.46 -31.94 -2.94
N ILE B 54 -25.35 -31.55 -1.67
CA ILE B 54 -26.49 -30.96 -0.99
C ILE B 54 -26.86 -29.65 -1.65
N GLN B 55 -25.86 -28.94 -2.21
CA GLN B 55 -26.07 -27.70 -2.95
C GLN B 55 -26.58 -26.59 -2.04
N CYS B 56 -25.91 -26.44 -0.88
CA CYS B 56 -26.22 -25.34 0.02
C CYS B 56 -25.85 -23.98 -0.55
N SER B 57 -24.99 -23.96 -1.57
CA SER B 57 -24.66 -22.72 -2.26
C SER B 57 -24.27 -23.02 -3.69
N PRO B 58 -24.84 -22.31 -4.67
CA PRO B 58 -24.34 -22.43 -6.04
C PRO B 58 -22.92 -21.91 -6.22
N ASP B 59 -22.41 -21.17 -5.22
CA ASP B 59 -21.09 -20.56 -5.30
C ASP B 59 -20.00 -21.41 -4.65
N LEU B 60 -20.38 -22.49 -3.96
CA LEU B 60 -19.41 -23.26 -3.18
C LEU B 60 -18.38 -23.93 -4.07
N LYS B 61 -18.85 -24.61 -5.13
CA LYS B 61 -17.94 -25.33 -6.02
C LYS B 61 -16.88 -24.40 -6.58
N PHE B 62 -17.29 -23.27 -7.17
CA PHE B 62 -16.34 -22.29 -7.68
C PHE B 62 -15.41 -21.79 -6.57
N PHE B 63 -15.96 -21.47 -5.40
CA PHE B 63 -15.15 -20.91 -4.32
C PHE B 63 -14.07 -21.89 -3.86
N LEU B 64 -14.45 -23.17 -3.69
CA LEU B 64 -13.48 -24.17 -3.24
C LEU B 64 -12.35 -24.32 -4.24
N CYS B 65 -12.69 -24.31 -5.53
CA CYS B 65 -11.67 -24.44 -6.57
C CYS B 65 -10.77 -23.22 -6.65
N SER B 66 -11.35 -22.02 -6.55
CA SER B 66 -10.54 -20.81 -6.55
C SER B 66 -9.51 -20.79 -5.43
N MET B 67 -9.71 -21.59 -4.38
CA MET B 67 -8.77 -21.73 -3.28
C MET B 67 -7.87 -22.95 -3.43
N TYR B 68 -8.45 -24.12 -3.72
CA TYR B 68 -7.66 -25.35 -3.78
C TYR B 68 -6.92 -25.49 -5.11
N THR B 69 -7.53 -25.07 -6.21
CA THR B 69 -6.86 -25.00 -7.50
C THR B 69 -6.91 -23.55 -8.00
N PRO B 70 -6.08 -22.68 -7.41
CA PRO B 70 -6.14 -21.25 -7.78
C PRO B 70 -5.78 -21.04 -9.24
N ILE B 71 -6.51 -20.11 -9.88
CA ILE B 71 -6.35 -19.86 -11.31
C ILE B 71 -4.92 -19.47 -11.65
N CYS B 72 -4.43 -19.97 -12.79
CA CYS B 72 -3.12 -19.61 -13.32
C CYS B 72 -3.30 -19.02 -14.71
N LEU B 73 -2.75 -17.83 -14.93
CA LEU B 73 -2.83 -17.14 -16.21
C LEU B 73 -1.44 -16.95 -16.76
N GLU B 74 -1.29 -17.20 -18.07
CA GLU B 74 0.04 -17.13 -18.69
C GLU B 74 0.61 -15.72 -18.69
N ASP B 75 -0.24 -14.69 -18.66
CA ASP B 75 0.21 -13.31 -18.74
C ASP B 75 -0.06 -12.56 -17.43
N TYR B 76 -0.13 -13.30 -16.32
CA TYR B 76 -0.31 -12.68 -15.00
C TYR B 76 0.22 -13.66 -13.96
N LYS B 77 1.37 -13.33 -13.37
CA LYS B 77 2.05 -14.26 -12.47
C LYS B 77 2.02 -13.81 -11.02
N LYS B 78 0.84 -13.44 -10.54
CA LYS B 78 0.61 -13.22 -9.12
C LYS B 78 -0.62 -13.96 -8.68
N PRO B 79 -0.71 -14.37 -7.42
CA PRO B 79 -1.92 -15.03 -6.93
C PRO B 79 -3.14 -14.14 -7.13
N LEU B 80 -4.17 -14.71 -7.75
CA LEU B 80 -5.39 -13.99 -8.10
C LEU B 80 -6.53 -14.63 -7.34
N PRO B 81 -6.78 -14.20 -6.11
CA PRO B 81 -7.76 -14.88 -5.26
C PRO B 81 -9.17 -14.57 -5.68
N PRO B 82 -10.16 -15.32 -5.19
CA PRO B 82 -11.56 -14.94 -5.42
C PRO B 82 -11.91 -13.66 -4.69
N CYS B 83 -12.83 -12.90 -5.28
CA CYS B 83 -13.33 -11.71 -4.61
C CYS B 83 -14.05 -12.09 -3.32
N ARG B 84 -13.97 -11.21 -2.33
CA ARG B 84 -14.66 -11.44 -1.07
C ARG B 84 -16.12 -11.84 -1.26
N SER B 85 -16.77 -11.26 -2.28
CA SER B 85 -18.19 -11.53 -2.50
C SER B 85 -18.46 -13.00 -2.75
N VAL B 86 -17.56 -13.69 -3.43
CA VAL B 86 -17.74 -15.12 -3.70
C VAL B 86 -17.69 -15.90 -2.38
N CYS B 87 -16.71 -15.59 -1.54
CA CYS B 87 -16.63 -16.20 -0.22
C CYS B 87 -17.89 -15.91 0.60
N GLU B 88 -18.40 -14.68 0.52
CA GLU B 88 -19.52 -14.29 1.37
C GLU B 88 -20.79 -15.03 0.99
N ARG B 89 -20.99 -15.25 -0.31
CA ARG B 89 -22.17 -15.98 -0.75
C ARG B 89 -22.05 -17.46 -0.41
N ALA B 90 -20.85 -18.02 -0.57
CA ALA B 90 -20.64 -19.42 -0.21
C ALA B 90 -20.77 -19.63 1.30
N LYS B 91 -20.19 -18.73 2.09
CA LYS B 91 -20.32 -18.84 3.54
C LYS B 91 -21.76 -18.65 4.00
N ALA B 92 -22.50 -17.76 3.34
CA ALA B 92 -23.90 -17.53 3.72
C ALA B 92 -24.74 -18.78 3.52
N GLY B 93 -24.52 -19.51 2.42
CA GLY B 93 -25.37 -20.65 2.13
C GLY B 93 -25.04 -21.90 2.91
N CYS B 94 -23.77 -22.12 3.23
CA CYS B 94 -23.31 -23.42 3.70
C CYS B 94 -22.86 -23.43 5.16
N ALA B 95 -22.39 -22.30 5.68
CA ALA B 95 -21.89 -22.29 7.05
C ALA B 95 -22.96 -22.59 8.11
N PRO B 96 -24.21 -22.06 8.00
CA PRO B 96 -25.22 -22.46 8.99
C PRO B 96 -25.46 -23.97 9.02
N LEU B 97 -25.48 -24.62 7.86
CA LEU B 97 -25.60 -26.07 7.83
C LEU B 97 -24.38 -26.74 8.45
N MET B 98 -23.18 -26.26 8.12
CA MET B 98 -21.96 -26.80 8.72
C MET B 98 -21.96 -26.63 10.22
N ARG B 99 -22.40 -25.46 10.71
CA ARG B 99 -22.43 -25.21 12.15
C ARG B 99 -23.41 -26.15 12.85
N GLN B 100 -24.55 -26.43 12.22
CA GLN B 100 -25.54 -27.32 12.81
C GLN B 100 -24.95 -28.69 13.13
N TYR B 101 -24.01 -29.16 12.31
CA TYR B 101 -23.41 -30.48 12.48
C TYR B 101 -21.98 -30.41 13.01
N GLY B 102 -21.63 -29.34 13.72
CA GLY B 102 -20.38 -29.27 14.45
C GLY B 102 -19.16 -28.87 13.65
N PHE B 103 -19.33 -28.26 12.48
CA PHE B 103 -18.20 -27.84 11.65
C PHE B 103 -18.17 -26.32 11.55
N ALA B 104 -17.04 -25.73 11.89
CA ALA B 104 -16.83 -24.30 11.73
C ALA B 104 -16.42 -23.98 10.29
N TRP B 105 -16.73 -22.76 9.87
CA TRP B 105 -16.18 -22.23 8.63
C TRP B 105 -14.65 -22.25 8.73
N PRO B 106 -13.96 -22.89 7.78
CA PRO B 106 -12.51 -23.07 7.92
C PRO B 106 -11.78 -21.74 8.10
N ASP B 107 -10.75 -21.77 8.95
CA ASP B 107 -9.95 -20.57 9.22
C ASP B 107 -9.30 -20.04 7.95
N ARG B 108 -8.73 -20.92 7.13
CA ARG B 108 -8.10 -20.51 5.88
C ARG B 108 -9.08 -19.94 4.87
N MET B 109 -10.39 -20.03 5.13
CA MET B 109 -11.40 -19.53 4.21
C MET B 109 -12.21 -18.36 4.78
N ARG B 110 -11.76 -17.76 5.88
CA ARG B 110 -12.40 -16.56 6.39
C ARG B 110 -12.40 -15.47 5.33
N CYS B 111 -13.59 -14.91 5.06
CA CYS B 111 -13.79 -14.05 3.90
C CYS B 111 -13.06 -12.72 4.04
N ASP B 112 -12.84 -12.23 5.26
CA ASP B 112 -12.25 -10.91 5.42
C ASP B 112 -10.76 -10.86 5.07
N ARG B 113 -10.14 -11.98 4.73
CA ARG B 113 -8.77 -12.00 4.26
C ARG B 113 -8.67 -11.89 2.74
N LEU B 114 -9.79 -11.91 2.05
CA LEU B 114 -9.88 -11.82 0.61
C LEU B 114 -10.11 -10.38 0.16
N PRO B 115 -9.60 -9.99 -1.01
CA PRO B 115 -9.79 -8.61 -1.47
C PRO B 115 -11.20 -8.39 -1.97
N GLU B 116 -11.73 -7.19 -1.68
CA GLU B 116 -13.03 -6.79 -2.19
C GLU B 116 -12.93 -6.41 -3.65
N GLN B 117 -14.03 -6.60 -4.39
CA GLN B 117 -14.08 -6.09 -5.75
C GLN B 117 -14.07 -4.56 -5.72
N GLY B 118 -13.50 -3.98 -6.76
CA GLY B 118 -13.39 -2.54 -6.85
C GLY B 118 -12.30 -1.95 -5.98
N ASN B 119 -11.50 -2.79 -5.32
CA ASN B 119 -10.36 -2.32 -4.54
C ASN B 119 -9.26 -1.91 -5.50
N PRO B 120 -8.73 -0.69 -5.40
CA PRO B 120 -7.88 -0.18 -6.50
C PRO B 120 -6.58 -0.92 -6.74
N ASP B 121 -5.92 -1.45 -5.71
CA ASP B 121 -4.59 -2.02 -5.91
C ASP B 121 -4.53 -3.53 -5.70
N THR B 122 -5.65 -4.23 -5.84
CA THR B 122 -5.67 -5.68 -5.82
C THR B 122 -6.44 -6.16 -7.04
N LEU B 123 -6.26 -7.44 -7.37
CA LEU B 123 -7.07 -8.08 -8.41
C LEU B 123 -7.75 -9.28 -7.77
N CYS B 124 -9.04 -9.46 -8.05
CA CYS B 124 -9.77 -10.61 -7.55
C CYS B 124 -10.68 -11.16 -8.63
N MET B 125 -11.16 -12.38 -8.39
CA MET B 125 -11.88 -13.16 -9.38
C MET B 125 -13.32 -13.37 -8.93
N ASP B 126 -14.25 -13.20 -9.87
CA ASP B 126 -15.64 -13.58 -9.67
C ASP B 126 -16.11 -14.30 -10.94
N TYR B 127 -17.41 -14.52 -11.06
CA TYR B 127 -17.95 -15.17 -12.23
C TYR B 127 -19.42 -14.77 -12.42
N GLU B 128 -19.95 -15.05 -13.60
CA GLU B 128 -21.38 -14.93 -13.83
C GLU B 128 -21.84 -16.05 -14.77
N ARG B 129 -23.07 -16.51 -14.55
CA ARG B 129 -23.67 -17.53 -15.41
C ARG B 129 -24.40 -16.90 -16.61
N LEU B 132 -20.98 -20.21 -17.42
CA LEU B 132 -20.00 -19.84 -16.42
C LEU B 132 -18.82 -19.10 -17.05
N GLU B 133 -18.75 -17.78 -16.82
CA GLU B 133 -17.65 -16.95 -17.30
C GLU B 133 -16.94 -16.30 -16.13
N VAL B 134 -15.60 -16.37 -16.12
CA VAL B 134 -14.82 -15.76 -15.06
C VAL B 134 -14.75 -14.26 -15.27
N LEU B 135 -14.87 -13.50 -14.18
CA LEU B 135 -14.81 -12.05 -14.20
C LEU B 135 -13.70 -11.57 -13.27
N PHE B 136 -12.83 -10.70 -13.77
CA PHE B 136 -11.81 -10.06 -12.97
C PHE B 136 -12.31 -8.69 -12.55
N GLN B 137 -12.10 -8.34 -11.28
CA GLN B 137 -12.75 -7.16 -10.71
C GLN B 137 -11.89 -6.38 -9.73
N GLY B 138 -10.82 -6.93 -9.20
CA GLY B 138 -9.98 -6.20 -8.27
C GLY B 138 -10.49 -6.11 -6.85
N LEU C 9 -40.74 4.76 14.31
CA LEU C 9 -41.22 3.46 13.85
C LEU C 9 -42.25 3.66 12.73
N ALA C 10 -42.79 4.86 12.63
CA ALA C 10 -43.70 5.17 11.53
C ALA C 10 -42.91 5.51 10.28
N CYS C 11 -43.51 5.20 9.12
CA CYS C 11 -42.88 5.49 7.84
C CYS C 11 -43.19 6.93 7.43
N GLN C 12 -42.18 7.61 6.90
CA GLN C 12 -42.37 8.94 6.34
C GLN C 12 -41.74 9.01 4.95
N GLU C 13 -42.38 9.77 4.05
CA GLU C 13 -41.86 9.99 2.71
C GLU C 13 -40.43 10.54 2.78
N ILE C 14 -39.54 9.97 1.97
CA ILE C 14 -38.17 10.46 1.94
C ILE C 14 -38.16 11.86 1.35
N THR C 15 -37.50 12.78 2.06
CA THR C 15 -37.39 14.18 1.63
C THR C 15 -35.95 14.65 1.61
N VAL C 16 -34.98 13.76 1.82
CA VAL C 16 -33.57 14.11 1.68
C VAL C 16 -33.22 14.10 0.20
N PRO C 17 -32.70 15.21 -0.35
CA PRO C 17 -32.49 15.28 -1.81
C PRO C 17 -31.59 14.18 -2.38
N LEU C 18 -30.45 13.91 -1.73
CA LEU C 18 -29.56 12.84 -2.19
C LEU C 18 -30.29 11.50 -2.32
N CYS C 19 -31.23 11.24 -1.42
CA CYS C 19 -31.85 9.92 -1.31
C CYS C 19 -33.19 9.83 -2.04
N LYS C 20 -33.59 10.87 -2.76
CA LYS C 20 -34.79 10.79 -3.57
C LYS C 20 -34.51 9.98 -4.83
N GLY C 21 -35.44 9.07 -5.15
CA GLY C 21 -35.23 8.20 -6.30
C GLY C 21 -34.22 7.10 -6.08
N ILE C 22 -34.01 6.69 -4.83
CA ILE C 22 -32.98 5.69 -4.52
C ILE C 22 -33.45 4.26 -4.78
N GLY C 23 -34.73 4.03 -4.99
CA GLY C 23 -35.28 2.70 -5.20
C GLY C 23 -36.36 2.30 -4.23
N TYR C 24 -36.48 3.00 -3.10
CA TYR C 24 -37.61 2.82 -2.19
C TYR C 24 -38.08 4.21 -1.76
N GLU C 25 -39.29 4.26 -1.21
CA GLU C 25 -40.00 5.52 -1.06
C GLU C 25 -40.03 6.07 0.37
N TYR C 26 -40.01 5.22 1.39
CA TYR C 26 -40.28 5.66 2.75
C TYR C 26 -39.11 5.37 3.68
N THR C 27 -38.97 6.21 4.71
CA THR C 27 -37.95 6.03 5.73
C THR C 27 -38.57 6.20 7.11
N TYR C 28 -37.75 6.22 8.17
CA TYR C 28 -38.29 6.38 9.51
C TYR C 28 -37.25 7.10 10.37
N MET C 29 -37.74 7.78 11.39
CA MET C 29 -36.85 8.38 12.37
C MET C 29 -37.22 7.89 13.76
N PRO C 30 -36.24 7.76 14.67
CA PRO C 30 -34.82 8.02 14.49
C PRO C 30 -34.15 6.93 13.64
N ASN C 31 -33.10 7.31 12.91
CA ASN C 31 -32.33 6.38 12.09
C ASN C 31 -31.24 5.72 12.93
N GLN C 32 -30.36 4.95 12.29
CA GLN C 32 -29.34 4.22 13.04
C GLN C 32 -28.34 5.15 13.70
N PHE C 33 -28.25 6.39 13.23
CA PHE C 33 -27.32 7.37 13.82
C PHE C 33 -28.00 8.20 14.89
N ASN C 34 -29.27 7.91 15.19
CA ASN C 34 -30.04 8.60 16.22
C ASN C 34 -30.41 10.02 15.81
N HIS C 35 -30.57 10.24 14.51
CA HIS C 35 -31.05 11.53 14.02
C HIS C 35 -32.56 11.60 14.17
N ASP C 36 -33.04 12.73 14.67
CA ASP C 36 -34.45 12.87 15.00
C ASP C 36 -35.30 13.22 13.78
N THR C 37 -34.71 13.86 12.77
CA THR C 37 -35.45 14.31 11.60
C THR C 37 -34.60 14.11 10.35
N GLN C 38 -35.28 13.99 9.21
CA GLN C 38 -34.58 13.96 7.93
C GLN C 38 -33.78 15.24 7.74
N ASP C 39 -34.27 16.36 8.28
CA ASP C 39 -33.50 17.60 8.28
C ASP C 39 -32.12 17.39 8.87
N GLU C 40 -32.04 16.78 10.06
CA GLU C 40 -30.74 16.51 10.67
C GLU C 40 -29.97 15.45 9.88
N ALA C 41 -30.65 14.39 9.45
CA ALA C 41 -29.98 13.35 8.68
C ALA C 41 -29.56 13.85 7.30
N GLY C 42 -30.42 14.63 6.64
CA GLY C 42 -30.09 15.17 5.34
C GLY C 42 -28.93 16.16 5.38
N LEU C 43 -28.90 17.00 6.41
CA LEU C 43 -27.81 17.97 6.54
C LEU C 43 -26.46 17.27 6.74
N GLU C 44 -26.42 16.21 7.55
CA GLU C 44 -25.14 15.54 7.79
C GLU C 44 -24.69 14.74 6.58
N VAL C 45 -25.62 14.13 5.86
CA VAL C 45 -25.25 13.32 4.70
C VAL C 45 -24.82 14.19 3.53
N HIS C 46 -25.24 15.47 3.51
CA HIS C 46 -24.80 16.39 2.47
C HIS C 46 -23.29 16.49 2.38
N GLN C 47 -22.59 16.33 3.52
CA GLN C 47 -21.14 16.44 3.54
C GLN C 47 -20.44 15.50 2.55
N PHE C 48 -21.11 14.42 2.12
CA PHE C 48 -20.51 13.43 1.24
C PHE C 48 -20.66 13.76 -0.24
N TRP C 49 -21.23 14.93 -0.57
CA TRP C 49 -21.56 15.22 -1.95
C TRP C 49 -20.38 15.23 -2.93
N PRO C 50 -19.15 15.62 -2.56
CA PRO C 50 -18.05 15.48 -3.53
C PRO C 50 -17.79 14.04 -3.93
N LEU C 51 -17.86 13.10 -2.99
CA LEU C 51 -17.66 11.70 -3.31
C LEU C 51 -18.75 11.18 -4.24
N VAL C 52 -19.99 11.56 -3.98
CA VAL C 52 -21.08 11.22 -4.91
C VAL C 52 -20.81 11.85 -6.28
N GLU C 53 -20.36 13.11 -6.29
CA GLU C 53 -20.04 13.79 -7.55
C GLU C 53 -18.81 13.19 -8.21
N ILE C 54 -17.79 12.86 -7.42
CA ILE C 54 -16.59 12.27 -8.00
C ILE C 54 -16.88 10.90 -8.57
N GLN C 55 -17.82 10.17 -7.97
CA GLN C 55 -18.22 8.83 -8.42
C GLN C 55 -17.09 7.82 -8.18
N CYS C 56 -16.53 7.86 -6.98
CA CYS C 56 -15.52 6.88 -6.59
C CYS C 56 -16.10 5.48 -6.43
N SER C 57 -17.42 5.35 -6.22
CA SER C 57 -18.06 4.06 -6.15
C SER C 57 -19.52 4.20 -6.59
N PRO C 58 -20.01 3.31 -7.46
CA PRO C 58 -21.44 3.32 -7.78
C PRO C 58 -22.32 2.92 -6.60
N ASP C 59 -21.75 2.38 -5.53
CA ASP C 59 -22.51 1.88 -4.39
C ASP C 59 -22.64 2.88 -3.26
N LEU C 60 -21.94 4.01 -3.32
CA LEU C 60 -21.88 4.91 -2.18
C LEU C 60 -23.24 5.58 -1.92
N LYS C 61 -23.86 6.11 -2.98
CA LYS C 61 -25.15 6.78 -2.85
C LYS C 61 -26.18 5.87 -2.19
N PHE C 62 -26.37 4.67 -2.75
CA PHE C 62 -27.29 3.70 -2.16
C PHE C 62 -26.93 3.39 -0.72
N PHE C 63 -25.64 3.16 -0.45
CA PHE C 63 -25.20 2.79 0.90
C PHE C 63 -25.47 3.91 1.91
N LEU C 64 -25.13 5.15 1.54
CA LEU C 64 -25.33 6.26 2.46
C LEU C 64 -26.80 6.44 2.81
N CYS C 65 -27.68 6.29 1.82
CA CYS C 65 -29.11 6.42 2.07
C CYS C 65 -29.63 5.27 2.93
N SER C 66 -29.17 4.05 2.68
CA SER C 66 -29.57 2.92 3.50
C SER C 66 -29.22 3.11 4.97
N MET C 67 -28.29 4.00 5.28
CA MET C 67 -27.93 4.35 6.65
C MET C 67 -28.63 5.60 7.16
N TYR C 68 -28.60 6.68 6.36
CA TYR C 68 -29.17 7.95 6.82
C TYR C 68 -30.68 8.01 6.65
N THR C 69 -31.22 7.43 5.57
CA THR C 69 -32.65 7.28 5.37
C THR C 69 -32.96 5.79 5.24
N PRO C 70 -32.92 5.03 6.35
CA PRO C 70 -33.15 3.59 6.26
C PRO C 70 -34.55 3.27 5.78
N ILE C 71 -34.65 2.24 4.95
CA ILE C 71 -35.93 1.85 4.35
C ILE C 71 -36.95 1.54 5.44
N CYS C 72 -38.18 1.98 5.22
CA CYS C 72 -39.30 1.68 6.10
C CYS C 72 -40.34 0.93 5.29
N LEU C 73 -40.76 -0.23 5.79
CA LEU C 73 -41.72 -1.08 5.10
C LEU C 73 -42.98 -1.25 5.93
N GLU C 74 -44.14 -1.17 5.28
CA GLU C 74 -45.41 -1.29 5.99
C GLU C 74 -45.61 -2.68 6.56
N ASP C 75 -45.03 -3.70 5.94
CA ASP C 75 -45.22 -5.09 6.34
C ASP C 75 -43.94 -5.70 6.92
N TYR C 76 -43.07 -4.86 7.46
CA TYR C 76 -41.86 -5.35 8.13
C TYR C 76 -41.42 -4.27 9.10
N LYS C 77 -41.61 -4.52 10.40
CA LYS C 77 -41.39 -3.52 11.43
C LYS C 77 -40.16 -3.87 12.25
N LYS C 78 -39.06 -4.18 11.57
CA LYS C 78 -37.75 -4.37 12.15
C LYS C 78 -36.77 -3.50 11.39
N PRO C 79 -35.73 -2.99 12.06
CA PRO C 79 -34.69 -2.26 11.33
C PRO C 79 -34.06 -3.17 10.27
N LEU C 80 -34.00 -2.68 9.04
CA LEU C 80 -33.54 -3.47 7.89
C LEU C 80 -32.29 -2.81 7.32
N PRO C 81 -31.11 -3.12 7.86
CA PRO C 81 -29.89 -2.43 7.47
C PRO C 81 -29.40 -2.91 6.11
N PRO C 82 -28.48 -2.20 5.48
CA PRO C 82 -27.85 -2.73 4.27
C PRO C 82 -26.97 -3.94 4.58
N CYS C 83 -26.90 -4.85 3.62
CA CYS C 83 -26.01 -5.99 3.76
C CYS C 83 -24.56 -5.52 3.85
N ARG C 84 -23.75 -6.26 4.61
CA ARG C 84 -22.33 -5.93 4.75
C ARG C 84 -21.65 -5.73 3.40
N SER C 85 -22.07 -6.50 2.39
CA SER C 85 -21.41 -6.42 1.08
C SER C 85 -21.53 -5.03 0.46
N VAL C 86 -22.66 -4.36 0.66
CA VAL C 86 -22.86 -3.03 0.11
C VAL C 86 -21.90 -2.03 0.72
N CYS C 87 -21.74 -2.09 2.04
CA CYS C 87 -20.76 -1.25 2.73
C CYS C 87 -19.36 -1.50 2.18
N GLU C 88 -19.01 -2.77 1.94
CA GLU C 88 -17.65 -3.11 1.56
C GLU C 88 -17.32 -2.66 0.13
N ARG C 89 -18.29 -2.72 -0.78
CA ARG C 89 -18.01 -2.31 -2.15
C ARG C 89 -17.87 -0.80 -2.24
N ALA C 90 -18.71 -0.06 -1.51
CA ALA C 90 -18.60 1.40 -1.51
C ALA C 90 -17.30 1.84 -0.85
N LYS C 91 -16.93 1.21 0.26
CA LYS C 91 -15.68 1.54 0.92
C LYS C 91 -14.48 1.19 0.05
N ALA C 92 -14.57 0.10 -0.72
CA ALA C 92 -13.46 -0.26 -1.60
C ALA C 92 -13.22 0.81 -2.64
N GLY C 93 -14.29 1.39 -3.20
CA GLY C 93 -14.14 2.37 -4.26
C GLY C 93 -13.76 3.75 -3.78
N CYS C 94 -14.19 4.13 -2.57
CA CYS C 94 -14.10 5.51 -2.13
C CYS C 94 -13.12 5.76 -1.00
N ALA C 95 -12.86 4.76 -0.15
CA ALA C 95 -11.96 4.98 0.98
C ALA C 95 -10.53 5.31 0.56
N PRO C 96 -9.94 4.67 -0.47
CA PRO C 96 -8.59 5.11 -0.88
C PRO C 96 -8.53 6.57 -1.29
N LEU C 97 -9.53 7.07 -2.01
CA LEU C 97 -9.57 8.49 -2.35
C LEU C 97 -9.76 9.35 -1.10
N MET C 98 -10.65 8.92 -0.20
CA MET C 98 -10.84 9.64 1.06
C MET C 98 -9.56 9.68 1.87
N ARG C 99 -8.81 8.57 1.88
CA ARG C 99 -7.56 8.51 2.64
C ARG C 99 -6.53 9.48 2.09
N GLN C 100 -6.43 9.58 0.76
CA GLN C 100 -5.48 10.49 0.15
C GLN C 100 -5.72 11.94 0.58
N TYR C 101 -6.96 12.32 0.85
CA TYR C 101 -7.29 13.68 1.24
C TYR C 101 -7.58 13.81 2.73
N GLY C 102 -7.05 12.90 3.54
CA GLY C 102 -7.05 13.04 4.98
C GLY C 102 -8.32 12.64 5.70
N PHE C 103 -9.19 11.86 5.07
CA PHE C 103 -10.44 11.43 5.69
C PHE C 103 -10.45 9.92 5.87
N ALA C 104 -10.69 9.48 7.10
CA ALA C 104 -10.89 8.07 7.39
C ALA C 104 -12.35 7.69 7.10
N TRP C 105 -12.55 6.43 6.78
CA TRP C 105 -13.89 5.85 6.76
C TRP C 105 -14.52 5.99 8.14
N PRO C 106 -15.66 6.66 8.27
CA PRO C 106 -16.21 6.93 9.60
C PRO C 106 -16.47 5.64 10.37
N ASP C 107 -16.21 5.68 11.69
CA ASP C 107 -16.43 4.51 12.53
C ASP C 107 -17.92 4.13 12.56
N ARG C 108 -18.81 5.13 12.60
CA ARG C 108 -20.24 4.85 12.57
C ARG C 108 -20.69 4.16 11.30
N MET C 109 -19.82 4.05 10.30
CA MET C 109 -20.12 3.36 9.05
C MET C 109 -19.24 2.13 8.88
N ARG C 110 -18.60 1.69 9.96
CA ARG C 110 -17.79 0.47 10.01
C ARG C 110 -18.59 -0.73 9.52
N CYS C 111 -18.04 -1.44 8.54
CA CYS C 111 -18.79 -2.51 7.88
C CYS C 111 -18.98 -3.73 8.80
N ASP C 112 -18.07 -3.98 9.74
CA ASP C 112 -18.19 -5.18 10.54
C ASP C 112 -19.36 -5.13 11.53
N ARG C 113 -20.05 -4.00 11.62
CA ARG C 113 -21.28 -3.90 12.40
C ARG C 113 -22.51 -4.21 11.57
N LEU C 114 -22.35 -4.44 10.27
CA LEU C 114 -23.50 -4.78 9.44
C LEU C 114 -23.66 -6.30 9.32
N PRO C 115 -24.91 -6.76 9.21
CA PRO C 115 -25.15 -8.20 9.15
C PRO C 115 -24.83 -8.82 7.80
N GLU C 116 -24.40 -10.07 7.88
CA GLU C 116 -24.14 -10.89 6.71
C GLU C 116 -25.47 -11.34 6.08
N GLN C 117 -25.46 -11.54 4.77
CA GLN C 117 -26.61 -12.07 4.05
C GLN C 117 -26.91 -13.52 4.47
N GLY C 118 -28.16 -13.93 4.26
CA GLY C 118 -28.56 -15.28 4.61
C GLY C 118 -28.96 -15.50 6.05
N ASN C 119 -29.22 -14.44 6.81
CA ASN C 119 -29.62 -14.59 8.20
C ASN C 119 -31.02 -15.19 8.30
N PRO C 120 -31.21 -16.27 9.09
CA PRO C 120 -32.49 -16.97 9.08
C PRO C 120 -33.64 -16.14 9.64
N ASP C 121 -33.38 -15.22 10.58
CA ASP C 121 -34.46 -14.49 11.24
C ASP C 121 -34.51 -13.01 10.90
N THR C 122 -33.52 -12.45 10.21
CA THR C 122 -33.53 -11.04 9.85
C THR C 122 -33.19 -10.88 8.37
N LEU C 123 -33.48 -9.69 7.84
CA LEU C 123 -33.21 -9.32 6.46
C LEU C 123 -32.25 -8.15 6.36
N CYS C 124 -31.44 -8.14 5.30
CA CYS C 124 -30.58 -7.02 4.98
C CYS C 124 -30.77 -6.66 3.51
N MET C 125 -30.35 -5.46 3.14
CA MET C 125 -30.70 -4.86 1.87
C MET C 125 -29.49 -4.69 0.96
N ASP C 126 -29.68 -5.07 -0.31
CA ASP C 126 -28.75 -4.77 -1.40
C ASP C 126 -29.60 -4.34 -2.59
N TYR C 127 -29.00 -4.28 -3.78
CA TYR C 127 -29.74 -3.86 -4.96
C TYR C 127 -29.10 -4.44 -6.22
N GLU C 128 -29.83 -4.33 -7.31
CA GLU C 128 -29.31 -4.64 -8.63
C GLU C 128 -29.88 -3.63 -9.61
N ARG C 129 -29.13 -3.35 -10.67
CA ARG C 129 -29.59 -2.46 -11.75
C ARG C 129 -30.38 -3.20 -12.83
N THR C 131 -31.21 -0.29 -14.12
CA THR C 131 -32.60 0.14 -14.03
C THR C 131 -33.13 0.05 -12.60
N LEU C 132 -32.28 -0.45 -11.69
CA LEU C 132 -32.40 -0.24 -10.25
C LEU C 132 -33.58 -0.98 -9.62
N GLU C 133 -33.29 -2.04 -8.85
CA GLU C 133 -34.31 -2.76 -8.11
C GLU C 133 -33.73 -3.16 -6.75
N VAL C 134 -34.50 -2.92 -5.68
CA VAL C 134 -34.07 -3.25 -4.32
C VAL C 134 -34.18 -4.75 -4.10
N LEU C 135 -33.19 -5.32 -3.42
CA LEU C 135 -33.13 -6.75 -3.10
C LEU C 135 -32.96 -6.99 -1.61
N PHE C 136 -33.80 -7.86 -1.06
CA PHE C 136 -33.65 -8.31 0.32
C PHE C 136 -32.97 -9.68 0.31
N GLN C 137 -32.03 -9.89 1.24
CA GLN C 137 -31.17 -11.07 1.20
C GLN C 137 -30.84 -11.65 2.57
N GLY C 138 -31.19 -11.01 3.67
CA GLY C 138 -30.94 -11.57 4.99
C GLY C 138 -29.57 -11.26 5.58
N LEU D 9 -7.36 9.32 12.46
CA LEU D 9 -6.73 10.47 13.08
C LEU D 9 -5.98 10.09 14.36
N ALA D 10 -6.73 9.73 15.40
CA ALA D 10 -6.17 9.65 16.74
C ALA D 10 -5.00 8.69 16.81
N CYS D 11 -4.10 8.95 17.75
CA CYS D 11 -2.94 8.10 17.94
C CYS D 11 -3.31 6.91 18.80
N GLN D 12 -2.81 5.74 18.42
CA GLN D 12 -3.02 4.52 19.18
C GLN D 12 -1.67 3.83 19.44
N GLU D 13 -1.58 3.18 20.60
CA GLU D 13 -0.40 2.40 20.93
C GLU D 13 -0.11 1.38 19.85
N ILE D 14 1.16 1.28 19.46
CA ILE D 14 1.56 0.27 18.48
C ILE D 14 1.35 -1.11 19.08
N THR D 15 0.68 -1.99 18.34
CA THR D 15 0.42 -3.35 18.80
C THR D 15 0.87 -4.39 17.80
N VAL D 16 1.54 -4.00 16.72
CA VAL D 16 2.15 -4.94 15.79
C VAL D 16 3.47 -5.42 16.38
N PRO D 17 3.67 -6.72 16.58
CA PRO D 17 4.89 -7.19 17.26
C PRO D 17 6.19 -6.77 16.58
N LEU D 18 6.27 -6.91 15.25
CA LEU D 18 7.46 -6.48 14.53
C LEU D 18 7.81 -5.02 14.82
N CYS D 19 6.79 -4.17 14.97
CA CYS D 19 7.00 -2.73 15.08
C CYS D 19 6.96 -2.21 16.51
N LYS D 20 6.89 -3.09 17.51
CA LYS D 20 6.97 -2.60 18.87
C LYS D 20 8.40 -2.23 19.21
N GLY D 21 8.59 -1.06 19.82
CA GLY D 21 9.91 -0.62 20.19
C GLY D 21 10.82 -0.13 19.09
N ILE D 22 10.27 0.34 17.96
CA ILE D 22 11.13 0.77 16.86
C ILE D 22 11.71 2.17 17.07
N GLY D 23 11.27 2.90 18.09
CA GLY D 23 11.73 4.25 18.29
C GLY D 23 10.64 5.30 18.44
N TYR D 24 9.40 4.96 18.07
CA TYR D 24 8.26 5.80 18.38
C TYR D 24 7.14 4.91 18.91
N GLU D 25 6.17 5.54 19.57
CA GLU D 25 5.23 4.83 20.41
C GLU D 25 3.83 4.67 19.81
N TYR D 26 3.38 5.60 18.98
CA TYR D 26 2.00 5.62 18.53
C TYR D 26 1.92 5.56 17.01
N THR D 27 0.82 4.99 16.52
CA THR D 27 0.51 4.92 15.10
C THR D 27 -0.95 5.35 14.90
N TYR D 28 -1.40 5.26 13.66
CA TYR D 28 -2.77 5.64 13.34
C TYR D 28 -3.24 4.84 12.13
N MET D 29 -4.55 4.67 12.02
CA MET D 29 -5.19 4.05 10.87
C MET D 29 -6.23 5.00 10.31
N PRO D 30 -6.49 4.94 8.99
CA PRO D 30 -5.84 4.08 7.99
C PRO D 30 -4.41 4.50 7.64
N ASN D 31 -3.58 3.52 7.29
CA ASN D 31 -2.21 3.77 6.88
C ASN D 31 -2.16 4.08 5.38
N GLN D 32 -0.96 4.22 4.84
CA GLN D 32 -0.83 4.56 3.42
C GLN D 32 -1.33 3.43 2.52
N PHE D 33 -1.53 2.23 3.06
CA PHE D 33 -2.02 1.05 2.36
C PHE D 33 -3.53 0.87 2.46
N ASN D 34 -4.21 1.78 3.18
CA ASN D 34 -5.66 1.73 3.39
C ASN D 34 -6.07 0.59 4.33
N HIS D 35 -5.20 0.18 5.24
CA HIS D 35 -5.55 -0.80 6.25
C HIS D 35 -6.28 -0.11 7.40
N ASP D 36 -7.39 -0.70 7.84
CA ASP D 36 -8.22 -0.07 8.86
C ASP D 36 -7.75 -0.33 10.28
N THR D 37 -7.01 -1.42 10.51
CA THR D 37 -6.61 -1.79 11.86
C THR D 37 -5.18 -2.28 11.85
N GLN D 38 -4.53 -2.16 13.01
CA GLN D 38 -3.19 -2.73 13.18
C GLN D 38 -3.21 -4.24 12.98
N ASP D 39 -4.32 -4.89 13.33
CA ASP D 39 -4.49 -6.31 13.05
C ASP D 39 -4.26 -6.62 11.58
N GLU D 40 -4.92 -5.88 10.68
CA GLU D 40 -4.72 -6.13 9.26
C GLU D 40 -3.31 -5.75 8.82
N ALA D 41 -2.78 -4.65 9.34
CA ALA D 41 -1.44 -4.22 8.97
C ALA D 41 -0.39 -5.21 9.47
N GLY D 42 -0.56 -5.74 10.68
CA GLY D 42 0.39 -6.72 11.19
C GLY D 42 0.41 -7.99 10.37
N LEU D 43 -0.76 -8.45 9.93
CA LEU D 43 -0.82 -9.64 9.09
C LEU D 43 -0.12 -9.41 7.77
N GLU D 44 -0.32 -8.24 7.16
CA GLU D 44 0.25 -7.98 5.84
C GLU D 44 1.76 -7.78 5.93
N VAL D 45 2.24 -7.10 6.98
CA VAL D 45 3.67 -6.87 7.15
C VAL D 45 4.39 -8.12 7.64
N HIS D 46 3.67 -9.06 8.26
CA HIS D 46 4.26 -10.31 8.72
C HIS D 46 4.98 -11.05 7.60
N GLN D 47 4.52 -10.85 6.36
CA GLN D 47 5.13 -11.51 5.20
C GLN D 47 6.63 -11.28 5.12
N PHE D 48 7.13 -10.18 5.70
CA PHE D 48 8.52 -9.79 5.55
C PHE D 48 9.44 -10.36 6.61
N TRP D 49 8.94 -11.19 7.53
CA TRP D 49 9.78 -11.63 8.63
C TRP D 49 11.02 -12.43 8.22
N PRO D 50 11.02 -13.23 7.13
CA PRO D 50 12.30 -13.85 6.74
C PRO D 50 13.37 -12.84 6.36
N LEU D 51 13.00 -11.79 5.62
CA LEU D 51 13.96 -10.76 5.24
C LEU D 51 14.47 -9.99 6.46
N VAL D 52 13.57 -9.68 7.40
CA VAL D 52 13.97 -9.05 8.65
C VAL D 52 14.96 -9.94 9.38
N GLU D 53 14.68 -11.24 9.45
CA GLU D 53 15.57 -12.18 10.13
C GLU D 53 16.89 -12.35 9.36
N ILE D 54 16.81 -12.36 8.03
CA ILE D 54 18.01 -12.51 7.21
C ILE D 54 18.93 -11.30 7.35
N GLN D 55 18.36 -10.11 7.56
CA GLN D 55 19.09 -8.86 7.74
C GLN D 55 19.80 -8.46 6.44
N CYS D 56 19.06 -8.52 5.33
CA CYS D 56 19.60 -8.05 4.07
C CYS D 56 19.78 -6.54 4.06
N SER D 57 19.12 -5.82 4.98
CA SER D 57 19.30 -4.40 5.18
C SER D 57 19.03 -4.07 6.63
N PRO D 58 19.90 -3.32 7.30
CA PRO D 58 19.58 -2.83 8.65
C PRO D 58 18.43 -1.84 8.68
N ASP D 59 18.01 -1.31 7.53
CA ASP D 59 16.98 -0.29 7.45
C ASP D 59 15.59 -0.84 7.16
N LEU D 60 15.47 -2.15 6.90
CA LEU D 60 14.20 -2.70 6.45
C LEU D 60 13.12 -2.63 7.53
N LYS D 61 13.47 -3.02 8.77
CA LYS D 61 12.50 -2.98 9.86
C LYS D 61 11.91 -1.59 10.03
N PHE D 62 12.78 -0.58 10.19
CA PHE D 62 12.31 0.79 10.33
C PHE D 62 11.46 1.20 9.14
N PHE D 63 11.90 0.89 7.92
CA PHE D 63 11.17 1.29 6.73
C PHE D 63 9.78 0.65 6.69
N LEU D 64 9.69 -0.65 6.95
CA LEU D 64 8.39 -1.32 6.90
C LEU D 64 7.45 -0.77 7.96
N CYS D 65 7.96 -0.50 9.15
CA CYS D 65 7.12 0.03 10.22
C CYS D 65 6.68 1.46 9.90
N SER D 66 7.58 2.29 9.38
CA SER D 66 7.22 3.65 8.96
C SER D 66 6.12 3.66 7.91
N MET D 67 5.91 2.54 7.22
CA MET D 67 4.83 2.39 6.24
C MET D 67 3.60 1.72 6.82
N TYR D 68 3.78 0.57 7.49
CA TYR D 68 2.64 -0.20 7.97
C TYR D 68 2.08 0.35 9.28
N THR D 69 2.93 0.84 10.18
CA THR D 69 2.51 1.55 11.38
C THR D 69 3.13 2.95 11.34
N PRO D 70 2.60 3.84 10.50
CA PRO D 70 3.19 5.17 10.38
C PRO D 70 3.12 5.94 11.68
N ILE D 71 4.18 6.69 11.98
CA ILE D 71 4.27 7.42 13.23
C ILE D 71 3.08 8.36 13.37
N CYS D 72 2.56 8.46 14.58
CA CYS D 72 1.50 9.39 14.91
C CYS D 72 2.01 10.34 15.99
N LEU D 73 1.93 11.64 15.73
CA LEU D 73 2.38 12.66 16.66
C LEU D 73 1.21 13.55 17.05
N GLU D 74 1.10 13.83 18.36
CA GLU D 74 -0.02 14.63 18.85
C GLU D 74 0.02 16.07 18.35
N ASP D 75 1.20 16.60 18.03
CA ASP D 75 1.37 17.99 17.64
C ASP D 75 1.77 18.14 16.17
N TYR D 76 1.36 17.19 15.32
CA TYR D 76 1.64 17.26 13.89
C TYR D 76 0.56 16.47 13.18
N LYS D 77 -0.34 17.16 12.48
CA LYS D 77 -1.55 16.55 11.93
C LYS D 77 -1.49 16.40 10.41
N LYS D 78 -0.35 15.94 9.91
CA LYS D 78 -0.22 15.47 8.54
C LYS D 78 0.54 14.16 8.55
N PRO D 79 0.30 13.29 7.58
CA PRO D 79 1.09 12.07 7.47
C PRO D 79 2.56 12.42 7.31
N LEU D 80 3.41 11.77 8.10
CA LEU D 80 4.84 12.06 8.14
C LEU D 80 5.54 10.84 7.61
N PRO D 81 5.68 10.68 6.31
CA PRO D 81 6.18 9.45 5.73
C PRO D 81 7.69 9.34 5.90
N PRO D 82 8.27 8.17 5.66
CA PRO D 82 9.72 8.06 5.64
C PRO D 82 10.33 8.83 4.48
N CYS D 83 11.52 9.37 4.71
CA CYS D 83 12.26 10.03 3.64
C CYS D 83 12.60 9.02 2.55
N ARG D 84 12.65 9.51 1.31
CA ARG D 84 12.99 8.66 0.17
C ARG D 84 14.27 7.85 0.41
N SER D 85 15.26 8.45 1.08
CA SER D 85 16.55 7.79 1.28
C SER D 85 16.41 6.51 2.09
N VAL D 86 15.53 6.49 3.09
CA VAL D 86 15.37 5.30 3.91
C VAL D 86 14.77 4.16 3.08
N CYS D 87 13.77 4.47 2.24
CA CYS D 87 13.26 3.48 1.29
C CYS D 87 14.38 2.96 0.39
N GLU D 88 15.24 3.86 -0.06
CA GLU D 88 16.27 3.50 -1.03
C GLU D 88 17.34 2.60 -0.43
N ARG D 89 17.70 2.82 0.84
CA ARG D 89 18.73 1.98 1.46
C ARG D 89 18.21 0.56 1.71
N ALA D 90 16.96 0.45 2.18
CA ALA D 90 16.39 -0.88 2.41
C ALA D 90 16.19 -1.63 1.10
N LYS D 91 15.68 -0.94 0.07
CA LYS D 91 15.48 -1.56 -1.23
C LYS D 91 16.81 -1.97 -1.85
N ALA D 92 17.85 -1.17 -1.66
CA ALA D 92 19.16 -1.51 -2.21
C ALA D 92 19.71 -2.79 -1.61
N GLY D 93 19.53 -2.98 -0.30
CA GLY D 93 20.08 -4.14 0.36
C GLY D 93 19.30 -5.42 0.16
N CYS D 94 17.98 -5.33 0.01
CA CYS D 94 17.12 -6.51 0.08
C CYS D 94 16.51 -6.93 -1.25
N ALA D 95 16.32 -6.00 -2.19
CA ALA D 95 15.70 -6.35 -3.46
C ALA D 95 16.52 -7.35 -4.28
N PRO D 96 17.86 -7.26 -4.35
CA PRO D 96 18.60 -8.32 -5.06
C PRO D 96 18.36 -9.72 -4.51
N LEU D 97 18.29 -9.88 -3.19
CA LEU D 97 17.93 -11.18 -2.63
C LEU D 97 16.50 -11.56 -2.99
N MET D 98 15.59 -10.59 -2.90
CA MET D 98 14.21 -10.82 -3.32
C MET D 98 14.14 -11.18 -4.80
N ARG D 99 14.97 -10.53 -5.62
CA ARG D 99 15.00 -10.80 -7.05
C ARG D 99 15.43 -12.23 -7.34
N GLN D 100 16.44 -12.73 -6.61
CA GLN D 100 16.91 -14.09 -6.82
C GLN D 100 15.82 -15.12 -6.62
N TYR D 101 14.89 -14.89 -5.69
CA TYR D 101 13.86 -15.85 -5.37
C TYR D 101 12.48 -15.44 -5.90
N GLY D 102 12.43 -14.60 -6.93
CA GLY D 102 11.19 -14.36 -7.64
C GLY D 102 10.22 -13.38 -7.02
N PHE D 103 10.67 -12.52 -6.11
CA PHE D 103 9.79 -11.56 -5.46
C PHE D 103 10.18 -10.15 -5.91
N ALA D 104 9.20 -9.41 -6.44
CA ALA D 104 9.42 -8.01 -6.80
C ALA D 104 9.22 -7.10 -5.60
N TRP D 105 9.92 -5.97 -5.62
CA TRP D 105 9.66 -4.87 -4.72
C TRP D 105 8.24 -4.36 -4.93
N PRO D 106 7.39 -4.34 -3.90
CA PRO D 106 5.98 -3.96 -4.10
C PRO D 106 5.83 -2.57 -4.68
N ASP D 107 4.82 -2.40 -5.55
CA ASP D 107 4.53 -1.10 -6.12
C ASP D 107 4.15 -0.09 -5.04
N ARG D 108 3.39 -0.54 -4.04
CA ARG D 108 2.95 0.24 -2.90
C ARG D 108 4.14 0.76 -2.08
N MET D 109 5.35 0.28 -2.36
CA MET D 109 6.57 0.67 -1.67
C MET D 109 7.60 1.33 -2.58
N ARG D 110 7.21 1.73 -3.79
CA ARG D 110 8.12 2.44 -4.68
C ARG D 110 8.65 3.72 -4.04
N CYS D 111 9.98 3.87 -4.06
CA CYS D 111 10.61 4.96 -3.33
C CYS D 111 10.36 6.31 -3.97
N ASP D 112 10.14 6.35 -5.29
CA ASP D 112 10.02 7.64 -5.97
C ASP D 112 8.71 8.37 -5.68
N ARG D 113 7.75 7.74 -5.02
CA ARG D 113 6.55 8.42 -4.56
C ARG D 113 6.67 8.92 -3.12
N LEU D 114 7.80 8.67 -2.46
CA LEU D 114 8.02 9.20 -1.13
C LEU D 114 8.74 10.54 -1.22
N PRO D 115 8.49 11.45 -0.27
CA PRO D 115 9.06 12.80 -0.38
C PRO D 115 10.55 12.83 -0.08
N GLU D 116 11.25 13.72 -0.78
CA GLU D 116 12.65 13.93 -0.51
C GLU D 116 12.83 14.73 0.77
N GLN D 117 13.96 14.52 1.44
CA GLN D 117 14.30 15.33 2.60
C GLN D 117 14.50 16.80 2.22
N GLY D 118 14.34 17.69 3.20
CA GLY D 118 14.51 19.11 2.99
C GLY D 118 13.32 19.87 2.43
N ASN D 119 12.13 19.29 2.41
CA ASN D 119 10.97 20.02 1.92
C ASN D 119 10.61 21.14 2.90
N PRO D 120 10.46 22.38 2.41
CA PRO D 120 10.28 23.51 3.33
C PRO D 120 9.02 23.46 4.15
N ASP D 121 7.96 22.77 3.69
CA ASP D 121 6.67 22.85 4.34
C ASP D 121 6.25 21.60 5.08
N THR D 122 6.82 20.43 4.78
CA THR D 122 6.45 19.19 5.44
C THR D 122 7.71 18.47 5.93
N LEU D 123 7.50 17.46 6.78
CA LEU D 123 8.59 16.69 7.36
C LEU D 123 8.53 15.23 6.94
N CYS D 124 9.71 14.61 6.82
CA CYS D 124 9.83 13.19 6.56
C CYS D 124 10.81 12.60 7.57
N MET D 125 10.75 11.28 7.71
CA MET D 125 11.36 10.59 8.84
C MET D 125 12.52 9.69 8.42
N ASP D 126 13.60 9.76 9.20
CA ASP D 126 14.70 8.82 9.15
C ASP D 126 15.04 8.47 10.60
N TYR D 127 16.18 7.80 10.80
CA TYR D 127 16.59 7.38 12.12
C TYR D 127 18.09 7.20 12.15
N GLU D 128 18.62 7.07 13.36
CA GLU D 128 19.97 6.60 13.62
C GLU D 128 19.91 5.79 14.91
N ARG D 129 20.76 4.77 15.03
CA ARG D 129 20.79 3.98 16.25
C ARG D 129 21.68 4.62 17.29
N LEU D 132 17.84 3.55 19.21
CA LEU D 132 17.40 3.99 17.90
C LEU D 132 16.47 5.19 18.10
N GLU D 133 16.90 6.37 17.64
CA GLU D 133 16.09 7.58 17.73
C GLU D 133 15.70 8.10 16.35
N VAL D 134 14.44 8.51 16.25
CA VAL D 134 13.87 9.00 15.01
C VAL D 134 14.43 10.38 14.66
N LEU D 135 14.67 10.61 13.38
CA LEU D 135 15.17 11.88 12.85
C LEU D 135 14.17 12.42 11.85
N PHE D 136 13.77 13.68 12.02
CA PHE D 136 12.91 14.37 11.08
C PHE D 136 13.74 15.26 10.17
N GLN D 137 13.42 15.26 8.87
CA GLN D 137 14.27 15.90 7.88
C GLN D 137 13.54 16.58 6.73
N GLY D 138 12.21 16.60 6.72
CA GLY D 138 11.43 17.19 5.63
C GLY D 138 11.64 16.67 4.23
#